data_4UJ2
#
_entry.id   4UJ2
#
_cell.length_a   71.813
_cell.length_b   74.746
_cell.length_c   79.131
_cell.angle_alpha   90.00
_cell.angle_beta   90.00
_cell.angle_gamma   90.00
#
_symmetry.space_group_name_H-M   'P 21 21 21'
#
loop_
_entity.id
_entity.type
_entity.pdbx_description
1 polymer 'CAMP-DEPENDENT PROTEIN KINASE CATALYTIC SUBUNIT ALPHA'
2 polymer 'CAMP-DEPENDENT PROTEIN KINASE INHIBITOR ALPHA'
3 non-polymer 7-[(3S,4R)-4-(3-iodanylphenyl)carbonylpyrrolidin-3-yl]-3H-quinazolin-4-one
4 non-polymer (4S)-2-METHYL-2,4-PENTANEDIOL
5 water water
#
loop_
_entity_poly.entity_id
_entity_poly.type
_entity_poly.pdbx_seq_one_letter_code
_entity_poly.pdbx_strand_id
1 'polypeptide(L)'
;MGNAAAAKKGSEQESVKEFLAKAKEDFLKKWESPAQNTAHLDQFERIKTLGTGSFGRVMLVKHKETGNHYAMKILDKQKV
VKLKQIEHTLNEKRILQAVNFPFLVKLEFSFKDNSNLYMVMEYVPGGEMFSHLRRIGRFSEPHARFYAAQIVLTFEYLHS
LDLIYRDLKPENLLIDQQGYIQVTDFGFAKRVKGRTW(TPO)LCGTPEYLAPEIILSKGYNKAVDWWALGVLIYEMAAGY
PPFFADQPIQIYEKIVSGKVRFPSHFSSDLKDLLRNLLQVDLTKRFGNLKNGVNDIKNHKWFATTDWIAIYQRKVEAPFI
PKFKGPGDTSNFDDYEEEEIRV(SEP)INEKCGKEFSEF
;
A
2 'polypeptide(L)' TTYADFIASGRTGRRNAIHD B
#
loop_
_chem_comp.id
_chem_comp.type
_chem_comp.name
_chem_comp.formula
MPD non-polymer (4S)-2-METHYL-2,4-PENTANEDIOL 'C6 H14 O2'
NVV non-polymer 7-[(3S,4R)-4-(3-iodanylphenyl)carbonylpyrrolidin-3-yl]-3H-quinazolin-4-one 'C19 H16 I N3 O2'
#
# COMPACT_ATOMS: atom_id res chain seq x y z
N SER A 15 13.09 23.66 3.11
CA SER A 15 13.58 22.79 4.18
C SER A 15 13.35 21.31 3.90
N VAL A 16 12.09 20.89 3.84
CA VAL A 16 11.79 19.48 3.52
C VAL A 16 12.56 19.10 2.26
N LYS A 17 12.86 20.10 1.44
CA LYS A 17 13.69 19.92 0.25
C LYS A 17 15.00 19.27 0.66
N GLU A 18 15.60 19.79 1.73
CA GLU A 18 16.86 19.31 2.26
C GLU A 18 16.76 17.89 2.84
N PHE A 19 15.72 17.62 3.62
CA PHE A 19 15.50 16.29 4.17
C PHE A 19 15.39 15.22 3.08
N LEU A 20 14.72 15.57 1.99
CA LEU A 20 14.51 14.60 0.93
C LEU A 20 15.82 14.38 0.20
N ALA A 21 16.55 15.46 -0.03
CA ALA A 21 17.88 15.40 -0.64
C ALA A 21 18.75 14.32 0.00
N LYS A 22 18.87 14.38 1.32
CA LYS A 22 19.68 13.44 2.07
C LYS A 22 19.08 12.03 1.99
N ALA A 23 17.75 11.96 1.99
CA ALA A 23 17.08 10.68 1.87
C ALA A 23 17.42 9.99 0.55
N LYS A 24 17.54 10.78 -0.51
CA LYS A 24 17.71 10.21 -1.84
C LYS A 24 19.11 9.66 -2.00
N GLU A 25 20.09 10.30 -1.36
CA GLU A 25 21.46 9.78 -1.37
C GLU A 25 21.52 8.41 -0.69
N ASP A 26 20.85 8.29 0.44
CA ASP A 26 20.82 7.02 1.16
C ASP A 26 20.13 5.97 0.31
N PHE A 27 18.98 6.33 -0.26
CA PHE A 27 18.25 5.43 -1.13
C PHE A 27 19.07 5.01 -2.34
N LEU A 28 19.74 5.96 -3.00
CA LEU A 28 20.41 5.63 -4.24
C LEU A 28 21.52 4.61 -4.03
N LYS A 29 22.17 4.67 -2.87
CA LYS A 29 23.29 3.80 -2.61
C LYS A 29 22.83 2.35 -2.51
N LYS A 30 21.72 2.12 -1.82
CA LYS A 30 21.17 0.78 -1.69
C LYS A 30 20.55 0.32 -3.01
N TRP A 31 19.96 1.26 -3.74
CA TRP A 31 19.37 0.98 -5.06
C TRP A 31 20.39 0.40 -6.04
N GLU A 32 21.59 0.98 -6.05
CA GLU A 32 22.62 0.53 -6.99
C GLU A 32 23.37 -0.70 -6.48
N SER A 33 23.37 -0.91 -5.17
CA SER A 33 24.03 -2.08 -4.60
C SER A 33 23.15 -2.82 -3.58
N PRO A 34 22.10 -3.51 -4.07
CA PRO A 34 21.07 -4.09 -3.18
C PRO A 34 21.59 -5.21 -2.28
N ALA A 35 20.99 -5.34 -1.11
CA ALA A 35 21.24 -6.46 -0.21
C ALA A 35 20.66 -7.72 -0.83
N GLN A 36 21.34 -8.84 -0.66
CA GLN A 36 20.90 -10.08 -1.28
C GLN A 36 21.26 -11.24 -0.37
N ASN A 37 20.37 -12.23 -0.27
CA ASN A 37 20.66 -13.45 0.49
C ASN A 37 21.12 -13.19 1.93
N THR A 38 20.29 -12.53 2.73
CA THR A 38 20.72 -12.10 4.05
C THR A 38 20.22 -13.01 5.18
N ALA A 39 19.49 -14.05 4.81
CA ALA A 39 19.09 -15.07 5.78
C ALA A 39 18.77 -16.40 5.08
N HIS A 40 18.30 -17.37 5.85
CA HIS A 40 17.90 -18.70 5.33
C HIS A 40 16.58 -19.13 5.98
N LEU A 41 15.78 -19.90 5.24
CA LEU A 41 14.46 -20.31 5.71
C LEU A 41 14.47 -20.98 7.09
N ASP A 42 15.47 -21.82 7.34
CA ASP A 42 15.54 -22.58 8.60
C ASP A 42 15.80 -21.70 9.82
N GLN A 43 16.15 -20.43 9.60
CA GLN A 43 16.38 -19.50 10.70
C GLN A 43 15.06 -18.97 11.26
N PHE A 44 13.94 -19.36 10.66
CA PHE A 44 12.64 -18.86 11.08
C PHE A 44 11.64 -19.96 11.42
N GLU A 45 10.94 -19.76 12.53
CA GLU A 45 9.85 -20.62 12.91
C GLU A 45 8.57 -20.07 12.28
N ARG A 46 7.90 -20.87 11.45
CA ARG A 46 6.70 -20.44 10.74
C ARG A 46 5.44 -20.66 11.58
N ILE A 47 4.67 -19.60 11.80
CA ILE A 47 3.61 -19.66 12.81
C ILE A 47 2.18 -19.63 12.26
N LYS A 48 1.89 -18.70 11.36
CA LYS A 48 0.51 -18.50 10.94
C LYS A 48 0.39 -17.54 9.75
N THR A 49 -0.52 -17.85 8.84
CA THR A 49 -0.74 -17.01 7.68
C THR A 49 -1.50 -15.74 8.05
N LEU A 50 -0.97 -14.60 7.60
CA LEU A 50 -1.53 -13.30 7.91
C LEU A 50 -2.30 -12.72 6.73
N GLY A 51 -2.07 -13.30 5.55
CA GLY A 51 -2.74 -12.84 4.34
C GLY A 51 -2.20 -13.57 3.14
N THR A 52 -2.90 -13.44 2.01
CA THR A 52 -2.62 -14.23 0.82
C THR A 52 -2.66 -13.40 -0.45
N GLY A 53 -2.04 -13.92 -1.50
CA GLY A 53 -2.03 -13.28 -2.80
C GLY A 53 -2.10 -14.34 -3.88
N SER A 54 -2.12 -13.91 -5.14
CA SER A 54 -2.31 -14.86 -6.23
C SER A 54 -1.09 -15.79 -6.41
N PHE A 55 0.10 -15.36 -5.98
CA PHE A 55 1.30 -16.18 -6.14
C PHE A 55 2.11 -16.36 -4.86
N GLY A 56 1.48 -16.13 -3.71
CA GLY A 56 2.14 -16.34 -2.43
C GLY A 56 1.29 -16.01 -1.23
N ARG A 57 1.95 -15.97 -0.06
CA ARG A 57 1.29 -15.69 1.20
C ARG A 57 2.26 -14.96 2.11
N VAL A 58 1.72 -14.32 3.14
CA VAL A 58 2.54 -13.71 4.17
C VAL A 58 2.27 -14.45 5.46
N MET A 59 3.33 -14.88 6.14
CA MET A 59 3.17 -15.63 7.38
C MET A 59 3.87 -14.93 8.54
N LEU A 60 3.24 -14.98 9.71
CA LEU A 60 3.92 -14.60 10.95
C LEU A 60 5.01 -15.65 11.20
N VAL A 61 6.25 -15.20 11.37
CA VAL A 61 7.36 -16.09 11.73
C VAL A 61 8.10 -15.55 12.93
N LYS A 62 8.86 -16.43 13.59
CA LYS A 62 9.74 -15.97 14.65
C LYS A 62 11.18 -16.27 14.28
N HIS A 63 12.00 -15.23 14.28
CA HIS A 63 13.43 -15.37 14.04
C HIS A 63 14.12 -16.02 15.24
N LYS A 64 14.67 -17.21 15.06
CA LYS A 64 15.15 -18.02 16.18
C LYS A 64 16.30 -17.39 16.97
N GLU A 65 17.25 -16.79 16.28
CA GLU A 65 18.44 -16.29 16.97
C GLU A 65 18.15 -15.06 17.84
N THR A 66 17.08 -14.32 17.51
CA THR A 66 16.76 -13.08 18.21
C THR A 66 15.42 -13.11 18.96
N GLY A 67 14.52 -14.00 18.57
CA GLY A 67 13.20 -14.06 19.17
C GLY A 67 12.21 -13.06 18.57
N ASN A 68 12.69 -12.22 17.66
CA ASN A 68 11.81 -11.26 17.01
C ASN A 68 10.76 -11.91 16.13
N HIS A 69 9.55 -11.37 16.16
CA HIS A 69 8.53 -11.79 15.20
C HIS A 69 8.62 -10.94 13.95
N TYR A 70 8.44 -11.57 12.80
CA TYR A 70 8.44 -10.87 11.52
C TYR A 70 7.27 -11.34 10.69
N ALA A 71 7.04 -10.65 9.58
CA ALA A 71 6.06 -11.07 8.61
C ALA A 71 6.81 -11.50 7.35
N MET A 72 6.77 -12.81 7.06
CA MET A 72 7.54 -13.33 5.96
C MET A 72 6.67 -13.60 4.75
N LYS A 73 6.90 -12.85 3.67
CA LYS A 73 6.20 -13.09 2.43
C LYS A 73 6.90 -14.20 1.65
N ILE A 74 6.13 -15.22 1.29
CA ILE A 74 6.62 -16.35 0.53
C ILE A 74 5.99 -16.35 -0.86
N LEU A 75 6.82 -16.18 -1.90
CA LEU A 75 6.35 -16.19 -3.29
C LEU A 75 6.85 -17.43 -4.02
N ASP A 76 5.93 -18.13 -4.67
CA ASP A 76 6.26 -19.28 -5.49
C ASP A 76 6.79 -18.76 -6.83
N LYS A 77 8.06 -18.99 -7.10
CA LYS A 77 8.69 -18.50 -8.32
C LYS A 77 7.91 -18.89 -9.58
N GLN A 78 7.37 -20.12 -9.61
CA GLN A 78 6.69 -20.59 -10.81
C GLN A 78 5.39 -19.84 -11.07
N LYS A 79 4.68 -19.55 -9.98
CA LYS A 79 3.46 -18.74 -10.07
C LYS A 79 3.73 -17.28 -10.42
N VAL A 80 4.85 -16.74 -9.96
CA VAL A 80 5.22 -15.37 -10.34
C VAL A 80 5.40 -15.31 -11.87
N VAL A 81 6.10 -16.30 -12.40
CA VAL A 81 6.36 -16.38 -13.85
C VAL A 81 5.05 -16.53 -14.65
N LYS A 82 4.18 -17.45 -14.23
CA LYS A 82 2.91 -17.65 -14.93
C LYS A 82 2.10 -16.36 -14.98
N LEU A 83 2.21 -15.53 -13.94
CA LEU A 83 1.43 -14.30 -13.91
C LEU A 83 2.18 -13.11 -14.46
N LYS A 84 3.35 -13.35 -15.05
CA LYS A 84 4.14 -12.30 -15.68
C LYS A 84 4.50 -11.17 -14.71
N GLN A 85 4.81 -11.56 -13.47
CA GLN A 85 5.14 -10.58 -12.46
C GLN A 85 6.61 -10.66 -12.07
N ILE A 86 7.45 -11.20 -12.95
CA ILE A 86 8.87 -11.34 -12.62
C ILE A 86 9.46 -9.95 -12.33
N GLU A 87 9.36 -9.05 -13.30
CA GLU A 87 9.96 -7.72 -13.17
C GLU A 87 9.31 -6.94 -12.01
N HIS A 88 8.00 -7.04 -11.86
CA HIS A 88 7.32 -6.40 -10.72
C HIS A 88 7.88 -6.89 -9.38
N THR A 89 8.19 -8.18 -9.31
CA THR A 89 8.70 -8.72 -8.06
C THR A 89 10.14 -8.29 -7.81
N LEU A 90 10.93 -8.22 -8.88
CA LEU A 90 12.28 -7.71 -8.76
C LEU A 90 12.23 -6.25 -8.31
N ASN A 91 11.33 -5.46 -8.92
CA ASN A 91 11.08 -4.07 -8.50
C ASN A 91 10.80 -4.00 -7.00
N GLU A 92 9.82 -4.80 -6.57
CA GLU A 92 9.36 -4.77 -5.18
C GLU A 92 10.52 -4.93 -4.19
N LYS A 93 11.31 -5.99 -4.41
CA LYS A 93 12.39 -6.31 -3.48
C LYS A 93 13.50 -5.26 -3.56
N ARG A 94 13.86 -4.84 -4.78
CA ARG A 94 14.94 -3.87 -4.95
C ARG A 94 14.62 -2.54 -4.29
N ILE A 95 13.38 -2.11 -4.47
CA ILE A 95 12.88 -0.87 -3.89
C ILE A 95 12.78 -1.00 -2.37
N LEU A 96 12.20 -2.11 -1.92
CA LEU A 96 11.90 -2.22 -0.51
C LEU A 96 13.16 -2.28 0.34
N GLN A 97 14.22 -2.92 -0.15
CA GLN A 97 15.48 -2.95 0.61
C GLN A 97 16.22 -1.61 0.65
N ALA A 98 15.76 -0.63 -0.14
CA ALA A 98 16.50 0.64 -0.22
C ALA A 98 15.79 1.80 0.45
N VAL A 99 14.54 1.63 0.82
CA VAL A 99 13.79 2.75 1.38
C VAL A 99 13.77 2.75 2.90
N ASN A 100 13.49 3.92 3.46
CA ASN A 100 13.49 4.09 4.90
C ASN A 100 12.58 5.27 5.25
N PHE A 101 11.43 4.98 5.86
CA PHE A 101 10.47 6.02 6.23
C PHE A 101 9.57 5.51 7.36
N PRO A 102 9.15 6.41 8.27
CA PRO A 102 8.44 5.99 9.49
C PRO A 102 7.17 5.22 9.19
N PHE A 103 6.59 5.44 8.01
CA PHE A 103 5.29 4.88 7.69
C PHE A 103 5.38 3.80 6.61
N LEU A 104 6.61 3.37 6.32
CA LEU A 104 6.85 2.30 5.36
C LEU A 104 7.36 1.10 6.12
N VAL A 105 6.77 -0.06 5.86
CA VAL A 105 7.17 -1.28 6.54
C VAL A 105 8.62 -1.60 6.14
N LYS A 106 9.39 -2.08 7.10
CA LYS A 106 10.80 -2.35 6.86
C LYS A 106 10.99 -3.77 6.33
N LEU A 107 11.78 -3.90 5.26
CA LEU A 107 12.31 -5.19 4.78
C LEU A 107 13.62 -5.57 5.48
N GLU A 108 13.55 -6.56 6.37
CA GLU A 108 14.68 -6.91 7.22
C GLU A 108 15.66 -7.91 6.59
N PHE A 109 15.14 -8.87 5.83
CA PHE A 109 15.99 -9.86 5.15
C PHE A 109 15.29 -10.28 3.87
N SER A 110 16.06 -10.78 2.91
CA SER A 110 15.48 -11.45 1.75
C SER A 110 16.38 -12.60 1.35
N PHE A 111 15.77 -13.64 0.79
CA PHE A 111 16.53 -14.78 0.27
C PHE A 111 15.61 -15.57 -0.66
N LYS A 112 16.14 -16.63 -1.25
CA LYS A 112 15.35 -17.48 -2.11
C LYS A 112 15.90 -18.89 -2.00
N ASP A 113 15.10 -19.87 -2.41
CA ASP A 113 15.54 -21.25 -2.44
C ASP A 113 15.09 -21.86 -3.76
N ASN A 114 15.16 -23.18 -3.89
CA ASN A 114 14.75 -23.81 -5.15
C ASN A 114 13.37 -23.39 -5.64
N SER A 115 12.44 -23.22 -4.72
CA SER A 115 11.02 -23.02 -5.05
C SER A 115 10.52 -21.60 -4.88
N ASN A 116 10.94 -20.93 -3.81
CA ASN A 116 10.33 -19.64 -3.45
C ASN A 116 11.29 -18.46 -3.32
N LEU A 117 10.70 -17.28 -3.36
CA LEU A 117 11.33 -16.04 -2.94
C LEU A 117 10.82 -15.76 -1.54
N TYR A 118 11.68 -15.18 -0.69
CA TYR A 118 11.31 -14.81 0.67
C TYR A 118 11.64 -13.35 0.95
N MET A 119 10.68 -12.61 1.49
CA MET A 119 10.93 -11.24 1.94
C MET A 119 10.44 -11.10 3.37
N VAL A 120 11.38 -10.92 4.30
CA VAL A 120 11.02 -10.84 5.71
C VAL A 120 10.94 -9.38 6.13
N MET A 121 9.73 -8.95 6.48
CA MET A 121 9.41 -7.57 6.80
C MET A 121 9.04 -7.48 8.26
N GLU A 122 8.97 -6.26 8.79
CA GLU A 122 8.50 -6.12 10.16
C GLU A 122 7.04 -6.56 10.23
N TYR A 123 6.68 -7.20 11.33
CA TYR A 123 5.30 -7.60 11.61
C TYR A 123 4.56 -6.42 12.22
N VAL A 124 3.40 -6.10 11.66
CA VAL A 124 2.61 -4.99 12.14
C VAL A 124 1.35 -5.60 12.77
N PRO A 125 1.34 -5.72 14.09
CA PRO A 125 0.36 -6.55 14.81
C PRO A 125 -1.07 -5.98 14.81
N GLY A 126 -1.24 -4.73 14.40
CA GLY A 126 -2.55 -4.09 14.48
C GLY A 126 -3.58 -4.53 13.46
N GLY A 127 -3.14 -5.27 12.45
CA GLY A 127 -3.98 -5.72 11.34
C GLY A 127 -4.18 -4.66 10.27
N GLU A 128 -4.97 -5.01 9.24
CA GLU A 128 -5.18 -4.12 8.10
C GLU A 128 -6.22 -3.04 8.43
N MET A 129 -6.00 -1.83 7.93
CA MET A 129 -7.00 -0.78 7.98
C MET A 129 -8.33 -1.31 7.44
N PHE A 130 -8.25 -2.10 6.37
CA PHE A 130 -9.44 -2.71 5.78
C PHE A 130 -10.36 -3.36 6.82
N SER A 131 -9.79 -4.18 7.71
CA SER A 131 -10.60 -4.90 8.68
C SER A 131 -11.29 -3.93 9.63
N HIS A 132 -10.54 -2.97 10.14
CA HIS A 132 -11.08 -1.98 11.06
C HIS A 132 -12.15 -1.13 10.41
N LEU A 133 -11.89 -0.70 9.18
CA LEU A 133 -12.82 0.14 8.45
C LEU A 133 -14.15 -0.56 8.16
N ARG A 134 -14.08 -1.80 7.68
CA ARG A 134 -15.31 -2.55 7.38
C ARG A 134 -16.12 -2.79 8.67
N ARG A 135 -15.40 -3.10 9.75
CA ARG A 135 -16.06 -3.39 11.02
C ARG A 135 -16.76 -2.17 11.62
N ILE A 136 -16.08 -1.04 11.65
CA ILE A 136 -16.62 0.16 12.25
CA ILE A 136 -16.68 0.14 12.26
C ILE A 136 -17.56 0.90 11.29
N GLY A 137 -17.40 0.66 10.00
CA GLY A 137 -18.27 1.28 9.01
C GLY A 137 -17.57 2.41 8.29
N ARG A 138 -17.22 3.47 9.02
CA ARG A 138 -16.48 4.59 8.44
C ARG A 138 -15.74 5.30 9.55
N PHE A 139 -14.71 6.05 9.20
CA PHE A 139 -13.96 6.83 10.19
C PHE A 139 -14.51 8.26 10.20
N SER A 140 -14.40 8.93 11.34
CA SER A 140 -14.72 10.36 11.43
C SER A 140 -13.71 11.10 10.57
N GLU A 141 -13.97 12.38 10.29
CA GLU A 141 -13.04 13.12 9.42
C GLU A 141 -11.66 13.30 10.06
N PRO A 142 -11.63 13.67 11.35
CA PRO A 142 -10.33 13.75 12.03
C PRO A 142 -9.55 12.44 11.94
N HIS A 143 -10.26 11.33 12.12
CA HIS A 143 -9.64 10.00 12.08
C HIS A 143 -9.06 9.73 10.69
N ALA A 144 -9.87 9.89 9.65
CA ALA A 144 -9.42 9.75 8.26
C ALA A 144 -8.23 10.65 7.93
N ARG A 145 -8.31 11.90 8.39
CA ARG A 145 -7.28 12.91 8.15
C ARG A 145 -5.92 12.49 8.72
N PHE A 146 -5.93 12.02 9.96
CA PHE A 146 -4.73 11.53 10.63
C PHE A 146 -4.01 10.47 9.79
N TYR A 147 -4.77 9.52 9.25
CA TYR A 147 -4.22 8.49 8.34
C TYR A 147 -3.79 9.05 7.00
N ALA A 148 -4.64 9.89 6.41
CA ALA A 148 -4.35 10.50 5.12
C ALA A 148 -3.05 11.32 5.16
N ALA A 149 -2.84 12.03 6.25
CA ALA A 149 -1.61 12.80 6.43
C ALA A 149 -0.38 11.94 6.27
N GLN A 150 -0.42 10.74 6.84
CA GLN A 150 0.68 9.79 6.79
C GLN A 150 0.92 9.28 5.37
N ILE A 151 -0.15 9.12 4.60
CA ILE A 151 -0.05 8.71 3.20
C ILE A 151 0.52 9.85 2.36
N VAL A 152 0.15 11.09 2.70
CA VAL A 152 0.67 12.28 1.99
C VAL A 152 2.19 12.39 2.16
N LEU A 153 2.66 12.25 3.39
CA LEU A 153 4.09 12.30 3.67
C LEU A 153 4.84 11.13 3.02
N THR A 154 4.24 9.95 3.04
CA THR A 154 4.86 8.76 2.46
C THR A 154 4.99 8.88 0.93
N PHE A 155 3.92 9.32 0.27
CA PHE A 155 3.98 9.58 -1.16
C PHE A 155 4.96 10.71 -1.49
N GLU A 156 5.02 11.74 -0.64
CA GLU A 156 6.00 12.80 -0.86
C GLU A 156 7.41 12.18 -0.90
N TYR A 157 7.70 11.34 0.08
CA TYR A 157 8.99 10.67 0.16
C TYR A 157 9.24 9.79 -1.08
N LEU A 158 8.31 8.88 -1.36
CA LEU A 158 8.43 7.93 -2.46
C LEU A 158 8.58 8.60 -3.82
N HIS A 159 7.76 9.62 -4.09
CA HIS A 159 7.85 10.35 -5.36
C HIS A 159 9.17 11.10 -5.53
N SER A 160 9.71 11.65 -4.46
CA SER A 160 11.01 12.33 -4.57
C SER A 160 12.13 11.37 -4.99
N LEU A 161 11.87 10.07 -4.86
CA LEU A 161 12.83 9.04 -5.26
C LEU A 161 12.52 8.48 -6.66
N ASP A 162 11.57 9.11 -7.35
CA ASP A 162 11.12 8.69 -8.69
C ASP A 162 10.34 7.38 -8.63
N LEU A 163 9.77 7.09 -7.47
CA LEU A 163 8.98 5.88 -7.27
C LEU A 163 7.49 6.18 -7.39
N ILE A 164 6.75 5.25 -8.00
CA ILE A 164 5.29 5.28 -7.96
C ILE A 164 4.83 4.04 -7.22
N TYR A 165 3.82 4.20 -6.37
CA TYR A 165 3.38 3.12 -5.49
C TYR A 165 2.38 2.19 -6.17
N ARG A 166 1.28 2.76 -6.67
CA ARG A 166 0.38 2.08 -7.62
C ARG A 166 -0.59 1.01 -7.06
N ASP A 167 -0.70 0.91 -5.74
CA ASP A 167 -1.72 0.00 -5.19
C ASP A 167 -2.29 0.45 -3.84
N LEU A 168 -2.53 1.75 -3.70
CA LEU A 168 -3.14 2.25 -2.46
C LEU A 168 -4.55 1.69 -2.26
N LYS A 169 -4.79 1.15 -1.07
CA LYS A 169 -6.12 0.71 -0.63
C LYS A 169 -6.00 0.25 0.82
N PRO A 170 -7.14 0.19 1.53
CA PRO A 170 -7.12 -0.19 2.95
C PRO A 170 -6.48 -1.54 3.21
N GLU A 171 -6.56 -2.44 2.23
CA GLU A 171 -6.05 -3.81 2.37
C GLU A 171 -4.53 -3.82 2.49
N ASN A 172 -3.90 -2.72 2.05
CA ASN A 172 -2.44 -2.61 1.96
C ASN A 172 -1.84 -1.67 3.02
N LEU A 173 -2.65 -1.29 4.00
CA LEU A 173 -2.22 -0.37 5.05
C LEU A 173 -2.41 -1.06 6.40
N LEU A 174 -1.34 -1.18 7.17
CA LEU A 174 -1.40 -1.87 8.46
C LEU A 174 -1.36 -0.85 9.60
N ILE A 175 -1.97 -1.19 10.72
CA ILE A 175 -1.97 -0.30 11.88
C ILE A 175 -0.99 -0.82 12.93
N ASP A 176 -0.08 0.02 13.38
CA ASP A 176 0.93 -0.43 14.33
C ASP A 176 0.50 -0.26 15.78
N GLN A 177 1.37 -0.67 16.70
CA GLN A 177 0.99 -0.68 18.12
C GLN A 177 0.74 0.74 18.63
N GLN A 178 1.12 1.74 17.86
CA GLN A 178 0.85 3.13 18.25
C GLN A 178 -0.41 3.70 17.58
N GLY A 179 -1.04 2.90 16.71
CA GLY A 179 -2.18 3.37 15.95
C GLY A 179 -1.80 4.17 14.72
N TYR A 180 -0.51 4.19 14.37
CA TYR A 180 -0.04 4.80 13.11
C TYR A 180 -0.07 3.80 11.94
N ILE A 181 0.04 4.34 10.73
CA ILE A 181 -0.04 3.55 9.50
C ILE A 181 1.31 2.99 9.10
N GLN A 182 1.31 1.74 8.64
CA GLN A 182 2.47 1.17 7.96
C GLN A 182 2.03 0.70 6.58
N VAL A 183 2.55 1.36 5.54
CA VAL A 183 2.32 0.95 4.16
C VAL A 183 3.12 -0.32 3.80
N THR A 184 2.44 -1.31 3.25
CA THR A 184 3.14 -2.51 2.81
C THR A 184 2.80 -2.77 1.34
N ASP A 185 3.02 -4.00 0.85
CA ASP A 185 2.52 -4.40 -0.48
C ASP A 185 3.10 -3.58 -1.64
N PHE A 186 4.41 -3.61 -1.76
CA PHE A 186 5.12 -2.86 -2.81
C PHE A 186 5.23 -3.64 -4.11
N GLY A 187 4.32 -4.61 -4.30
CA GLY A 187 4.31 -5.43 -5.50
C GLY A 187 4.27 -4.69 -6.84
N PHE A 188 3.64 -3.51 -6.85
CA PHE A 188 3.55 -2.72 -8.08
C PHE A 188 4.43 -1.47 -8.08
N ALA A 189 5.18 -1.25 -7.01
CA ALA A 189 6.04 -0.09 -6.95
C ALA A 189 7.12 -0.17 -8.05
N LYS A 190 7.48 1.00 -8.57
CA LYS A 190 8.37 1.06 -9.74
C LYS A 190 9.15 2.36 -9.71
N ARG A 191 10.43 2.29 -10.07
CA ARG A 191 11.20 3.50 -10.24
C ARG A 191 11.21 3.92 -11.71
N VAL A 192 10.62 5.08 -11.98
CA VAL A 192 10.36 5.53 -13.34
C VAL A 192 10.51 7.03 -13.38
N LYS A 193 11.28 7.52 -14.34
CA LYS A 193 11.31 8.95 -14.63
C LYS A 193 10.54 9.16 -15.94
N GLY A 194 9.57 10.05 -15.94
CA GLY A 194 8.79 10.21 -17.15
C GLY A 194 7.44 9.54 -17.02
N ARG A 195 7.19 8.51 -17.82
CA ARG A 195 5.89 7.84 -17.77
C ARG A 195 5.97 6.33 -17.95
N THR A 196 4.91 5.65 -17.53
CA THR A 196 4.85 4.20 -17.62
C THR A 196 3.45 3.79 -18.12
N TRP A 197 3.28 2.52 -18.51
CA TRP A 197 2.04 2.12 -19.17
C TRP A 197 1.35 0.90 -18.62
N TPO A 198 1.96 0.23 -17.67
CA TPO A 198 1.41 -1.03 -17.20
CB TPO A 198 2.33 -1.66 -16.17
CG2 TPO A 198 1.69 -2.95 -15.65
OG1 TPO A 198 3.56 -1.98 -16.81
P TPO A 198 4.75 -1.31 -15.95
O1P TPO A 198 4.97 -2.00 -14.65
O2P TPO A 198 6.09 -1.34 -16.84
O3P TPO A 198 4.33 0.22 -15.72
C TPO A 198 -0.01 -0.89 -16.63
O TPO A 198 -0.25 -0.08 -15.72
N LEU A 199 -0.94 -1.66 -17.15
CA LEU A 199 -2.27 -1.70 -16.54
C LEU A 199 -2.23 -2.52 -15.25
N CYS A 200 -2.12 -1.85 -14.11
CA CYS A 200 -2.10 -2.56 -12.84
C CYS A 200 -2.63 -1.69 -11.72
N GLY A 201 -3.09 -2.34 -10.66
CA GLY A 201 -3.67 -1.66 -9.53
C GLY A 201 -4.89 -2.45 -9.10
N THR A 202 -5.84 -1.79 -8.47
CA THR A 202 -7.08 -2.43 -8.02
C THR A 202 -8.23 -1.58 -8.59
N PRO A 203 -9.24 -2.24 -9.19
CA PRO A 203 -10.24 -1.51 -9.98
C PRO A 203 -10.76 -0.23 -9.34
N GLU A 204 -11.29 -0.31 -8.11
CA GLU A 204 -11.85 0.85 -7.41
C GLU A 204 -10.89 2.05 -7.33
N TYR A 205 -9.58 1.77 -7.38
CA TYR A 205 -8.57 2.79 -7.15
C TYR A 205 -7.82 3.30 -8.40
N LEU A 206 -8.17 2.76 -9.57
CA LEU A 206 -7.46 3.14 -10.79
C LEU A 206 -7.78 4.56 -11.26
N ALA A 207 -6.74 5.35 -11.55
CA ALA A 207 -6.91 6.66 -12.20
C ALA A 207 -7.47 6.52 -13.63
N PRO A 208 -8.25 7.50 -14.08
CA PRO A 208 -8.79 7.43 -15.45
C PRO A 208 -7.68 7.15 -16.48
N GLU A 209 -6.49 7.73 -16.31
CA GLU A 209 -5.44 7.55 -17.32
C GLU A 209 -4.90 6.13 -17.39
N ILE A 210 -5.00 5.37 -16.30
CA ILE A 210 -4.62 3.96 -16.38
C ILE A 210 -5.65 3.22 -17.22
N ILE A 211 -6.93 3.39 -16.89
CA ILE A 211 -8.00 2.72 -17.62
C ILE A 211 -7.99 3.06 -19.11
N LEU A 212 -7.60 4.29 -19.43
CA LEU A 212 -7.63 4.74 -20.81
C LEU A 212 -6.35 4.38 -21.57
N SER A 213 -5.42 3.71 -20.91
CA SER A 213 -4.19 3.29 -21.54
C SER A 213 -3.37 4.48 -21.99
N LYS A 214 -3.43 5.56 -21.22
CA LYS A 214 -2.86 6.84 -21.64
C LYS A 214 -1.33 6.91 -21.60
N GLY A 215 -0.72 6.16 -20.68
CA GLY A 215 0.62 6.47 -20.25
C GLY A 215 0.40 7.38 -19.06
N TYR A 216 1.13 7.16 -17.98
CA TYR A 216 0.81 7.84 -16.74
C TYR A 216 2.04 7.97 -15.85
N ASN A 217 1.91 8.76 -14.79
CA ASN A 217 3.00 9.02 -13.87
C ASN A 217 2.49 9.07 -12.43
N LYS A 218 3.27 9.69 -11.54
CA LYS A 218 2.97 9.63 -10.12
C LYS A 218 1.59 10.24 -9.78
N ALA A 219 1.02 11.02 -10.70
CA ALA A 219 -0.31 11.59 -10.47
C ALA A 219 -1.33 10.51 -10.13
N VAL A 220 -1.11 9.28 -10.59
CA VAL A 220 -2.07 8.21 -10.29
C VAL A 220 -2.12 7.88 -8.80
N ASP A 221 -1.01 8.09 -8.08
CA ASP A 221 -1.01 7.88 -6.62
C ASP A 221 -1.89 8.92 -5.91
N TRP A 222 -1.89 10.15 -6.42
CA TRP A 222 -2.68 11.22 -5.78
C TRP A 222 -4.17 11.03 -6.02
N TRP A 223 -4.53 10.52 -7.19
CA TRP A 223 -5.92 10.13 -7.45
C TRP A 223 -6.33 9.04 -6.44
N ALA A 224 -5.50 8.02 -6.31
CA ALA A 224 -5.81 6.92 -5.39
C ALA A 224 -5.96 7.42 -3.95
N LEU A 225 -5.16 8.42 -3.56
CA LEU A 225 -5.31 9.02 -2.23
C LEU A 225 -6.71 9.60 -2.09
N GLY A 226 -7.22 10.19 -3.17
CA GLY A 226 -8.58 10.67 -3.23
C GLY A 226 -9.60 9.58 -2.94
N VAL A 227 -9.46 8.44 -3.62
CA VAL A 227 -10.32 7.28 -3.40
C VAL A 227 -10.23 6.78 -1.95
N LEU A 228 -9.01 6.70 -1.42
CA LEU A 228 -8.83 6.22 -0.07
C LEU A 228 -9.51 7.11 0.99
N ILE A 229 -9.23 8.40 0.93
CA ILE A 229 -9.83 9.33 1.89
C ILE A 229 -11.36 9.23 1.84
N TYR A 230 -11.89 9.21 0.62
CA TYR A 230 -13.32 9.08 0.42
C TYR A 230 -13.82 7.81 1.10
N GLU A 231 -13.17 6.68 0.80
CA GLU A 231 -13.60 5.41 1.35
C GLU A 231 -13.52 5.42 2.86
N MET A 232 -12.44 5.99 3.40
CA MET A 232 -12.29 6.05 4.84
C MET A 232 -13.41 6.87 5.49
N ALA A 233 -13.75 8.02 4.90
CA ALA A 233 -14.75 8.92 5.50
C ALA A 233 -16.20 8.48 5.24
N ALA A 234 -16.42 7.76 4.14
CA ALA A 234 -17.77 7.40 3.70
C ALA A 234 -18.12 5.98 4.12
N GLY A 235 -17.16 5.07 4.07
CA GLY A 235 -17.43 3.68 4.45
C GLY A 235 -17.57 2.82 3.20
N TYR A 236 -17.58 3.49 2.05
CA TYR A 236 -17.53 2.85 0.74
C TYR A 236 -16.79 3.75 -0.24
N PRO A 237 -16.26 3.18 -1.34
CA PRO A 237 -15.50 3.99 -2.30
C PRO A 237 -16.39 4.80 -3.23
N PRO A 238 -15.82 5.81 -3.89
CA PRO A 238 -16.63 6.72 -4.72
C PRO A 238 -17.16 6.01 -5.96
N PHE A 239 -16.43 4.99 -6.44
CA PHE A 239 -16.85 4.24 -7.62
C PHE A 239 -16.88 2.74 -7.33
N PHE A 240 -18.07 2.16 -7.26
CA PHE A 240 -18.18 0.72 -7.04
C PHE A 240 -19.35 0.12 -7.81
N ALA A 241 -19.20 -1.16 -8.20
CA ALA A 241 -20.24 -1.92 -8.92
C ALA A 241 -19.92 -3.39 -8.77
N ASP A 242 -20.84 -4.29 -9.15
CA ASP A 242 -20.52 -5.71 -9.10
C ASP A 242 -19.41 -6.08 -10.10
N GLN A 243 -19.31 -5.34 -11.19
CA GLN A 243 -18.38 -5.69 -12.26
C GLN A 243 -17.28 -4.63 -12.42
N PRO A 244 -16.03 -5.07 -12.55
CA PRO A 244 -14.94 -4.11 -12.80
C PRO A 244 -15.24 -3.15 -13.97
N ILE A 245 -15.84 -3.67 -15.04
CA ILE A 245 -16.09 -2.84 -16.21
C ILE A 245 -17.01 -1.67 -15.87
N GLN A 246 -18.02 -1.91 -15.05
CA GLN A 246 -18.94 -0.86 -14.61
C GLN A 246 -18.25 0.11 -13.65
N ILE A 247 -17.24 -0.38 -12.97
CA ILE A 247 -16.42 0.48 -12.14
C ILE A 247 -15.61 1.43 -13.01
N TYR A 248 -14.97 0.88 -14.05
CA TYR A 248 -14.17 1.68 -14.98
C TYR A 248 -15.01 2.78 -15.65
N GLU A 249 -16.23 2.44 -16.06
CA GLU A 249 -17.13 3.41 -16.68
C GLU A 249 -17.45 4.58 -15.73
N LYS A 250 -17.60 4.30 -14.44
CA LYS A 250 -17.86 5.37 -13.47
C LYS A 250 -16.65 6.28 -13.28
N ILE A 251 -15.48 5.66 -13.12
CA ILE A 251 -14.20 6.36 -13.02
C ILE A 251 -13.98 7.35 -14.19
N VAL A 252 -14.21 6.91 -15.42
CA VAL A 252 -13.93 7.79 -16.55
C VAL A 252 -15.11 8.68 -16.93
N SER A 253 -16.21 8.55 -16.19
CA SER A 253 -17.41 9.35 -16.46
C SER A 253 -17.19 10.81 -16.06
N GLY A 254 -16.27 11.03 -15.13
CA GLY A 254 -15.98 12.37 -14.66
C GLY A 254 -17.01 12.89 -13.67
N LYS A 255 -17.76 11.97 -13.07
CA LYS A 255 -18.78 12.32 -12.09
C LYS A 255 -18.48 11.65 -10.76
N VAL A 256 -18.76 12.35 -9.66
CA VAL A 256 -18.61 11.77 -8.34
C VAL A 256 -19.64 12.38 -7.40
N ARG A 257 -20.20 11.58 -6.51
CA ARG A 257 -21.17 12.10 -5.52
C ARG A 257 -20.64 11.91 -4.10
N PHE A 258 -20.92 12.87 -3.22
CA PHE A 258 -20.43 12.79 -1.84
C PHE A 258 -21.56 12.58 -0.84
N PRO A 259 -21.30 11.77 0.20
CA PRO A 259 -22.31 11.64 1.26
C PRO A 259 -22.66 13.03 1.78
N SER A 260 -23.87 13.21 2.28
CA SER A 260 -24.27 14.52 2.78
C SER A 260 -23.58 14.91 4.09
N HIS A 261 -22.90 13.96 4.73
CA HIS A 261 -22.17 14.27 5.97
C HIS A 261 -20.74 14.75 5.73
N PHE A 262 -20.25 14.66 4.49
CA PHE A 262 -18.93 15.19 4.13
C PHE A 262 -18.91 16.71 4.30
N SER A 263 -17.90 17.23 4.99
CA SER A 263 -17.78 18.67 5.18
C SER A 263 -17.45 19.29 3.83
N SER A 264 -17.68 20.60 3.71
CA SER A 264 -17.43 21.27 2.45
C SER A 264 -15.94 21.25 2.10
N ASP A 265 -15.10 21.37 3.12
CA ASP A 265 -13.64 21.29 2.91
C ASP A 265 -13.22 19.92 2.38
N LEU A 266 -13.82 18.86 2.91
CA LEU A 266 -13.46 17.52 2.45
C LEU A 266 -13.88 17.35 1.00
N LYS A 267 -15.08 17.81 0.66
CA LYS A 267 -15.55 17.73 -0.71
C LYS A 267 -14.64 18.53 -1.64
N ASP A 268 -14.29 19.75 -1.25
CA ASP A 268 -13.38 20.52 -2.08
C ASP A 268 -12.05 19.76 -2.32
N LEU A 269 -11.45 19.22 -1.26
CA LEU A 269 -10.21 18.46 -1.40
C LEU A 269 -10.34 17.30 -2.38
N LEU A 270 -11.42 16.53 -2.22
CA LEU A 270 -11.63 15.34 -3.04
C LEU A 270 -11.92 15.67 -4.51
N ARG A 271 -12.61 16.79 -4.74
CA ARG A 271 -12.83 17.26 -6.11
C ARG A 271 -11.50 17.50 -6.83
N ASN A 272 -10.52 17.98 -6.07
CA ASN A 272 -9.20 18.29 -6.63
C ASN A 272 -8.27 17.09 -6.74
N LEU A 273 -8.51 16.07 -5.93
CA LEU A 273 -7.77 14.82 -6.09
C LEU A 273 -8.41 13.92 -7.14
N LEU A 274 -9.72 13.76 -7.08
CA LEU A 274 -10.43 12.94 -8.05
C LEU A 274 -10.73 13.77 -9.28
N GLN A 275 -9.72 14.51 -9.71
CA GLN A 275 -9.78 15.34 -10.89
C GLN A 275 -9.33 14.52 -12.08
N VAL A 276 -10.25 14.26 -13.00
CA VAL A 276 -9.94 13.46 -14.17
C VAL A 276 -8.85 14.10 -15.03
N ASP A 277 -8.69 15.41 -14.92
CA ASP A 277 -7.72 16.15 -15.73
C ASP A 277 -6.38 16.29 -15.02
N LEU A 278 -5.39 15.54 -15.47
CA LEU A 278 -4.01 15.64 -14.99
C LEU A 278 -3.55 17.08 -14.77
N THR A 279 -3.99 17.99 -15.64
CA THR A 279 -3.51 19.36 -15.58
C THR A 279 -4.17 20.14 -14.46
N LYS A 280 -5.05 19.47 -13.72
CA LYS A 280 -5.78 20.13 -12.66
C LYS A 280 -5.72 19.37 -11.34
N ARG A 281 -5.14 18.19 -11.35
CA ARG A 281 -5.17 17.34 -10.17
C ARG A 281 -4.17 17.81 -9.11
N PHE A 282 -4.66 18.00 -7.88
CA PHE A 282 -3.75 18.31 -6.78
C PHE A 282 -2.65 17.27 -6.66
N GLY A 283 -1.44 17.74 -6.34
CA GLY A 283 -0.28 16.88 -6.29
C GLY A 283 0.42 16.80 -7.63
N ASN A 284 -0.24 17.34 -8.66
CA ASN A 284 0.32 17.35 -10.02
C ASN A 284 0.49 18.75 -10.62
N LEU A 285 0.29 19.77 -9.80
CA LEU A 285 0.45 21.15 -10.27
C LEU A 285 1.83 21.66 -9.91
N LYS A 286 2.06 22.97 -10.14
CA LYS A 286 3.34 23.59 -9.87
C LYS A 286 3.81 23.35 -8.43
N ASN A 287 2.96 23.66 -7.45
CA ASN A 287 3.33 23.52 -6.04
C ASN A 287 3.39 22.05 -5.55
N GLY A 288 3.09 21.10 -6.44
CA GLY A 288 3.20 19.69 -6.10
C GLY A 288 2.36 19.26 -4.91
N VAL A 289 2.98 18.58 -3.95
CA VAL A 289 2.26 18.04 -2.81
C VAL A 289 1.81 19.14 -1.83
N ASN A 290 2.37 20.33 -2.00
CA ASN A 290 2.04 21.42 -1.10
C ASN A 290 0.62 21.96 -1.30
N ASP A 291 0.07 21.76 -2.49
CA ASP A 291 -1.33 22.10 -2.71
C ASP A 291 -2.23 21.22 -1.84
N ILE A 292 -1.76 20.01 -1.53
CA ILE A 292 -2.51 19.10 -0.67
C ILE A 292 -2.24 19.46 0.78
N LYS A 293 -0.96 19.62 1.13
CA LYS A 293 -0.60 19.92 2.50
C LYS A 293 -1.20 21.23 2.99
N ASN A 294 -1.37 22.18 2.08
CA ASN A 294 -1.87 23.50 2.43
C ASN A 294 -3.38 23.64 2.29
N HIS A 295 -4.07 22.56 1.95
CA HIS A 295 -5.52 22.60 1.86
C HIS A 295 -6.14 22.84 3.23
N LYS A 296 -7.30 23.49 3.26
CA LYS A 296 -8.01 23.80 4.50
C LYS A 296 -8.40 22.55 5.29
N TRP A 297 -8.73 21.48 4.57
CA TRP A 297 -9.09 20.23 5.26
C TRP A 297 -7.92 19.77 6.15
N PHE A 298 -6.69 20.08 5.74
CA PHE A 298 -5.50 19.71 6.50
C PHE A 298 -5.02 20.84 7.43
N ALA A 299 -5.79 21.92 7.50
CA ALA A 299 -5.34 23.11 8.23
C ALA A 299 -4.94 22.79 9.66
N THR A 300 -5.60 21.81 10.26
CA THR A 300 -5.30 21.42 11.64
C THR A 300 -4.14 20.43 11.74
N THR A 301 -3.63 19.98 10.60
CA THR A 301 -2.60 18.96 10.60
C THR A 301 -1.21 19.56 10.82
N ASP A 302 -0.54 19.11 11.88
CA ASP A 302 0.85 19.49 12.12
C ASP A 302 1.75 18.42 11.50
N TRP A 303 2.23 18.68 10.28
CA TRP A 303 2.92 17.65 9.51
C TRP A 303 4.18 17.11 10.21
N ILE A 304 4.90 17.99 10.89
CA ILE A 304 6.11 17.59 11.61
C ILE A 304 5.78 16.69 12.81
N ALA A 305 4.75 17.07 13.57
CA ALA A 305 4.27 16.27 14.68
C ALA A 305 3.82 14.89 14.19
N ILE A 306 3.17 14.85 13.04
CA ILE A 306 2.78 13.58 12.44
C ILE A 306 3.99 12.75 12.08
N TYR A 307 4.95 13.36 11.40
CA TYR A 307 6.16 12.65 11.00
C TYR A 307 6.89 12.08 12.22
N GLN A 308 6.94 12.87 13.28
CA GLN A 308 7.66 12.49 14.50
C GLN A 308 6.85 11.57 15.40
N ARG A 309 5.65 11.18 14.97
CA ARG A 309 4.81 10.31 15.78
C ARG A 309 4.49 10.90 17.16
N LYS A 310 4.24 12.22 17.19
CA LYS A 310 3.95 12.95 18.42
C LYS A 310 2.45 13.19 18.59
N VAL A 311 1.66 12.87 17.57
CA VAL A 311 0.23 13.10 17.60
C VAL A 311 -0.50 11.88 18.14
N GLU A 312 -1.50 12.11 18.98
CA GLU A 312 -2.24 11.00 19.55
C GLU A 312 -3.14 10.35 18.51
N ALA A 313 -3.00 9.04 18.35
CA ALA A 313 -3.80 8.30 17.37
C ALA A 313 -5.27 8.23 17.77
N PRO A 314 -6.15 8.11 16.76
CA PRO A 314 -7.61 7.94 16.89
C PRO A 314 -7.93 6.69 17.72
N PHE A 315 -7.08 5.67 17.62
CA PHE A 315 -7.23 4.46 18.42
C PHE A 315 -5.99 3.54 18.34
N ILE A 316 -5.80 2.76 19.39
CA ILE A 316 -4.73 1.78 19.46
C ILE A 316 -5.34 0.40 19.30
N PRO A 317 -4.74 -0.45 18.47
CA PRO A 317 -5.25 -1.81 18.34
C PRO A 317 -5.16 -2.55 19.68
N LYS A 318 -6.07 -3.50 19.90
CA LYS A 318 -6.04 -4.29 21.14
C LYS A 318 -5.06 -5.44 20.97
N PHE A 319 -4.34 -5.78 22.03
CA PHE A 319 -3.33 -6.82 21.97
C PHE A 319 -3.27 -7.68 23.23
N LYS A 320 -2.85 -8.93 23.07
CA LYS A 320 -2.60 -9.82 24.21
C LYS A 320 -1.37 -10.70 23.94
N GLY A 321 -0.25 -10.34 24.56
CA GLY A 321 0.99 -11.07 24.36
C GLY A 321 1.51 -10.93 22.94
N PRO A 322 2.83 -10.95 22.78
CA PRO A 322 3.47 -10.92 21.46
C PRO A 322 2.99 -12.07 20.58
N GLY A 323 3.14 -11.93 19.27
CA GLY A 323 2.72 -12.98 18.34
C GLY A 323 1.22 -13.22 18.35
N ASP A 324 0.48 -12.40 19.08
CA ASP A 324 -0.98 -12.43 19.02
C ASP A 324 -1.43 -11.97 17.63
N THR A 325 -2.43 -12.64 17.07
CA THR A 325 -2.85 -12.36 15.70
C THR A 325 -4.34 -12.03 15.58
N SER A 326 -4.98 -11.69 16.69
CA SER A 326 -6.42 -11.54 16.72
C SER A 326 -6.90 -10.46 15.79
N ASN A 327 -6.00 -9.56 15.41
CA ASN A 327 -6.37 -8.47 14.49
C ASN A 327 -6.29 -8.86 13.02
N PHE A 328 -5.94 -10.11 12.74
CA PHE A 328 -5.91 -10.61 11.38
C PHE A 328 -6.91 -11.74 11.23
N ASP A 329 -7.50 -11.85 10.04
CA ASP A 329 -8.38 -12.95 9.69
C ASP A 329 -7.60 -14.25 9.67
N ASP A 330 -8.30 -15.38 9.78
CA ASP A 330 -7.70 -16.70 9.62
C ASP A 330 -7.72 -17.14 8.17
N TYR A 331 -6.63 -17.77 7.72
CA TYR A 331 -6.53 -18.22 6.35
C TYR A 331 -6.18 -19.69 6.34
N GLU A 332 -6.54 -20.38 5.27
CA GLU A 332 -6.25 -21.80 5.15
C GLU A 332 -4.72 -21.93 5.12
N GLU A 333 -4.19 -22.88 5.89
CA GLU A 333 -2.74 -23.04 5.97
C GLU A 333 -2.25 -24.10 4.97
N GLU A 334 -0.99 -23.98 4.58
CA GLU A 334 -0.44 -24.86 3.55
C GLU A 334 1.03 -25.11 3.83
N GLU A 335 1.40 -26.36 4.03
CA GLU A 335 2.79 -26.69 4.34
C GLU A 335 3.71 -26.18 3.23
N ILE A 336 4.87 -25.68 3.61
CA ILE A 336 5.83 -25.23 2.60
C ILE A 336 6.55 -26.43 2.00
N ARG A 337 6.73 -26.42 0.69
CA ARG A 337 7.54 -27.46 0.07
C ARG A 337 8.61 -26.84 -0.80
N VAL A 338 9.83 -27.34 -0.67
CA VAL A 338 10.93 -26.83 -1.46
C VAL A 338 11.39 -27.93 -2.38
N SEP A 339 11.18 -27.74 -3.68
CA SEP A 339 11.57 -28.71 -4.69
CB SEP A 339 11.20 -28.19 -6.09
OG SEP A 339 11.74 -29.01 -7.12
C SEP A 339 13.06 -29.04 -4.63
O SEP A 339 13.89 -28.22 -4.24
P SEP A 339 10.80 -30.27 -7.45
O1P SEP A 339 9.25 -29.86 -7.36
O2P SEP A 339 11.13 -30.81 -8.93
O3P SEP A 339 11.15 -31.39 -6.34
N ILE A 340 13.40 -30.25 -5.03
CA ILE A 340 14.77 -30.69 -5.05
C ILE A 340 15.47 -30.10 -6.26
N ASN A 341 14.68 -29.53 -7.17
CA ASN A 341 15.23 -28.89 -8.36
C ASN A 341 15.01 -27.39 -8.32
N GLU A 342 16.03 -26.62 -8.68
CA GLU A 342 15.87 -25.16 -8.71
C GLU A 342 14.93 -24.74 -9.84
N LYS A 343 13.96 -23.91 -9.52
CA LYS A 343 13.03 -23.36 -10.51
C LYS A 343 13.41 -21.92 -10.87
N CYS A 344 13.33 -21.59 -12.16
CA CYS A 344 13.44 -20.21 -12.63
C CYS A 344 14.65 -19.47 -12.07
N GLY A 345 15.80 -20.13 -12.10
CA GLY A 345 17.03 -19.54 -11.58
C GLY A 345 17.38 -18.24 -12.26
N LYS A 346 17.46 -18.28 -13.58
CA LYS A 346 17.91 -17.11 -14.33
C LYS A 346 16.96 -15.94 -14.10
N GLU A 347 15.66 -16.23 -14.13
CA GLU A 347 14.67 -15.16 -14.04
C GLU A 347 14.84 -14.33 -12.77
N PHE A 348 15.25 -14.98 -11.68
CA PHE A 348 15.34 -14.31 -10.38
C PHE A 348 16.77 -14.19 -9.88
N SER A 349 17.72 -14.29 -10.80
CA SER A 349 19.14 -14.20 -10.48
C SER A 349 19.48 -13.06 -9.52
N GLU A 350 19.02 -11.85 -9.83
CA GLU A 350 19.38 -10.68 -9.03
C GLU A 350 18.64 -10.59 -7.67
N PHE A 351 17.61 -11.41 -7.47
CA PHE A 351 16.85 -11.34 -6.21
C PHE A 351 17.71 -11.71 -5.01
N THR B 1 -30.15 3.19 0.29
CA THR B 1 -29.04 4.12 0.55
C THR B 1 -27.81 3.60 -0.18
N THR B 2 -26.85 4.49 -0.41
CA THR B 2 -25.61 4.10 -1.07
C THR B 2 -24.90 3.03 -0.21
N TYR B 3 -24.88 3.23 1.10
CA TYR B 3 -24.25 2.27 2.01
C TYR B 3 -24.89 0.88 1.88
N ALA B 4 -26.22 0.81 1.87
CA ALA B 4 -26.91 -0.47 1.72
C ALA B 4 -26.59 -1.13 0.38
N ASP B 5 -26.48 -0.31 -0.66
CA ASP B 5 -26.11 -0.84 -1.97
C ASP B 5 -24.67 -1.40 -1.96
N PHE B 6 -23.78 -0.74 -1.21
CA PHE B 6 -22.41 -1.23 -1.13
C PHE B 6 -22.38 -2.59 -0.41
N ILE B 7 -23.03 -2.64 0.75
CA ILE B 7 -23.01 -3.84 1.58
C ILE B 7 -23.62 -5.05 0.87
N ALA B 8 -24.57 -4.77 -0.02
CA ALA B 8 -25.20 -5.84 -0.78
C ALA B 8 -24.48 -6.12 -2.11
N SER B 9 -23.33 -5.47 -2.34
CA SER B 9 -22.60 -5.67 -3.58
C SER B 9 -21.59 -6.79 -3.36
N GLY B 10 -20.98 -7.26 -4.44
CA GLY B 10 -20.00 -8.34 -4.34
C GLY B 10 -18.60 -7.86 -4.03
N ARG B 11 -18.47 -6.58 -3.72
CA ARG B 11 -17.14 -5.99 -3.59
C ARG B 11 -16.84 -5.33 -2.24
N THR B 12 -17.37 -5.94 -1.17
CA THR B 12 -17.06 -5.51 0.18
C THR B 12 -15.95 -6.33 0.84
N GLY B 13 -15.56 -7.45 0.23
CA GLY B 13 -14.47 -8.26 0.74
C GLY B 13 -13.14 -7.73 0.21
N ARG B 14 -12.04 -8.41 0.51
CA ARG B 14 -10.76 -7.90 0.01
C ARG B 14 -10.75 -7.86 -1.52
N ARG B 15 -10.20 -6.80 -2.09
CA ARG B 15 -10.19 -6.65 -3.55
C ARG B 15 -8.87 -7.06 -4.16
N ASN B 16 -8.94 -7.97 -5.12
CA ASN B 16 -7.76 -8.41 -5.85
C ASN B 16 -7.26 -7.32 -6.79
N ALA B 17 -5.95 -7.29 -7.00
CA ALA B 17 -5.37 -6.41 -7.99
C ALA B 17 -5.59 -7.01 -9.37
N ILE B 18 -5.52 -6.19 -10.41
CA ILE B 18 -5.48 -6.69 -11.78
C ILE B 18 -4.07 -6.44 -12.31
N HIS B 19 -3.61 -7.31 -13.20
CA HIS B 19 -2.19 -7.33 -13.60
C HIS B 19 -1.96 -6.98 -15.06
N ASP B 20 -2.93 -7.28 -15.92
CA ASP B 20 -2.67 -7.24 -17.36
C ASP B 20 -2.98 -5.91 -18.05
CAK NVV C . 1.22 -7.63 4.51
CAV NVV C . 2.15 -7.38 5.53
NAO NVV C . 3.32 -6.77 5.25
CAI NVV C . 4.23 -6.54 6.28
NAP NVV C . 3.99 -6.91 7.54
CAU NVV C . 2.81 -7.54 7.86
OAB NVV C . 2.61 -7.86 9.04
CAW NVV C . 1.87 -7.80 6.84
CAH NVV C . 0.66 -8.44 7.12
CAG NVV C . -0.26 -8.67 6.09
CAT NVV C . 0.01 -8.28 4.78
CAY NVV C . -0.98 -8.46 3.77
CAM NVV C . -1.71 -7.09 3.64
NAN NVV C . -2.07 -6.94 2.20
CAL NVV C . -1.78 -8.26 1.61
CAQ NVV C . -0.27 -10.16 2.08
CAX NVV C . -0.51 -8.67 2.33
OAA NVV C . -0.55 -10.99 2.93
CAS NVV C . 0.20 -10.57 0.81
CAF NVV C . 0.38 -11.93 0.53
CAD NVV C . 0.83 -12.35 -0.72
CAE NVV C . 1.11 -11.41 -1.70
CAR NVV C . 0.94 -10.04 -1.43
CAJ NVV C . 0.48 -9.63 -0.17
ILA NVV C . 1.33 -8.62 -2.87
C1 MPD D . -9.64 -9.62 11.83
C2 MPD D . -10.81 -8.97 12.47
O2 MPD D . -11.47 -8.23 11.52
CM MPD D . -11.72 -10.04 12.97
C3 MPD D . -10.39 -8.12 13.63
C4 MPD D . -10.73 -6.66 13.72
O4 MPD D . -12.09 -6.47 13.57
C5 MPD D . -10.33 -6.16 15.06
H11 MPD D . -9.16 -10.17 12.48
H12 MPD D . -9.03 -8.94 11.48
H13 MPD D . -9.94 -10.18 11.09
HO2 MPD D . -12.05 -8.75 11.09
HM1 MPD D . -11.90 -10.67 12.26
HM2 MPD D . -12.55 -9.64 13.28
HM3 MPD D . -11.28 -10.51 13.71
H31 MPD D . -10.78 -8.53 14.42
H32 MPD D . -9.43 -8.20 13.71
H4 MPD D . -10.25 -6.17 13.03
HO4 MPD D . -12.23 -5.76 13.07
H51 MPD D . -9.60 -6.71 15.41
H52 MPD D . -10.05 -5.23 14.99
H53 MPD D . -11.10 -6.22 15.67
#